data_8UOB
#
_entry.id   8UOB
#
_cell.length_a   115.825
_cell.length_b   115.825
_cell.length_c   219.317
_cell.angle_alpha   90.000
_cell.angle_beta   90.000
_cell.angle_gamma   90.000
#
_symmetry.space_group_name_H-M   'I 41 2 2'
#
loop_
_entity.id
_entity.type
_entity.pdbx_description
1 polymer 'Papain-like protease nsp3'
2 non-polymer 5-[2-(dimethylamino)ethoxy]-N-{(1R)-1-[(3M,5P)-3-(1-ethyl-1H-pyrazol-3-yl)-5-(1-methyl-1H-pyrazol-4-yl)phenyl]ethyl}-2-methylbenzamide
3 non-polymer 'ZINC ION'
4 non-polymer 'CHLORIDE ION'
5 water water
#
_entity_poly.entity_id   1
_entity_poly.type   'polypeptide(L)'
_entity_poly.pdbx_seq_one_letter_code
;SNAEVRTIKVFTTVDNINLHTQVVDMSMTYGQQFGPTYLDGADVTKIKPHNSHEGKTFYVLPNDDTLRVEAFEYYHTTDP
SFLGRYMSALNHTKKWKYPQVNGLTSIKWADNNCYLATALLTLQQIELKFNPPALQDAYYRARAGEAANFCALILAYCNK
TVGELGDVRETMSYLFQHANLDSCKRVLNVVCKTCGQQQTTLKGVEAVMYMGTLSYEQFKKGVQIPCTCGKQATKYLVQQ
ESPFVMMSAPPAQYELKHGTFTCASEYTGNYQCGHYKHITSKETLYCIDGALLTKSSEYKGPITDVFYKENSYTTTIK
;
_entity_poly.pdbx_strand_id   A
#
# COMPACT_ATOMS: atom_id res chain seq x y z
N THR A 7 7.42 -7.28 41.75
CA THR A 7 6.06 -7.47 41.25
C THR A 7 5.39 -6.14 40.96
N ILE A 8 5.27 -5.82 39.67
CA ILE A 8 4.61 -4.60 39.22
C ILE A 8 3.62 -4.98 38.12
N LYS A 9 2.49 -4.27 38.08
CA LYS A 9 1.42 -4.59 37.16
C LYS A 9 1.63 -3.89 35.82
N VAL A 10 1.31 -4.59 34.74
CA VAL A 10 1.39 -4.07 33.38
C VAL A 10 0.16 -4.53 32.60
N PHE A 11 0.11 -4.16 31.32
CA PHE A 11 -0.92 -4.62 30.41
C PHE A 11 -0.28 -5.30 29.21
N THR A 12 -0.88 -6.38 28.74
CA THR A 12 -0.47 -7.06 27.53
C THR A 12 -1.59 -6.98 26.51
N THR A 13 -1.24 -6.73 25.25
CA THR A 13 -2.24 -6.60 24.20
C THR A 13 -1.64 -7.07 22.89
N VAL A 14 -2.52 -7.32 21.92
CA VAL A 14 -2.11 -7.58 20.54
C VAL A 14 -2.66 -6.55 19.56
N ASP A 15 -3.64 -5.75 19.97
CA ASP A 15 -4.30 -4.81 19.07
C ASP A 15 -4.28 -3.38 19.58
N ASN A 16 -3.72 -3.13 20.77
CA ASN A 16 -3.76 -1.83 21.44
C ASN A 16 -5.19 -1.37 21.69
N ILE A 17 -6.13 -2.31 21.76
CA ILE A 17 -7.54 -2.01 22.01
C ILE A 17 -8.00 -2.81 23.22
N ASN A 18 -7.96 -4.15 23.11
CA ASN A 18 -8.28 -5.02 24.22
C ASN A 18 -7.03 -5.21 25.08
N LEU A 19 -7.08 -4.72 26.31
CA LEU A 19 -5.95 -4.74 27.22
C LEU A 19 -6.18 -5.79 28.29
N HIS A 20 -5.17 -6.64 28.50
CA HIS A 20 -5.24 -7.71 29.48
C HIS A 20 -4.24 -7.42 30.60
N THR A 21 -4.74 -7.40 31.84
CA THR A 21 -3.92 -7.01 32.98
C THR A 21 -3.06 -8.17 33.46
N GLN A 22 -1.79 -7.89 33.72
CA GLN A 22 -0.83 -8.88 34.17
C GLN A 22 0.11 -8.26 35.19
N VAL A 23 0.80 -9.12 35.93
CA VAL A 23 1.83 -8.71 36.90
C VAL A 23 3.09 -9.50 36.63
N VAL A 24 4.24 -8.83 36.66
CA VAL A 24 5.49 -9.40 36.20
C VAL A 24 6.50 -9.42 37.35
N ASP A 25 7.33 -10.47 37.36
CA ASP A 25 8.43 -10.58 38.30
C ASP A 25 9.64 -9.81 37.79
N MET A 26 10.43 -9.27 38.72
CA MET A 26 11.57 -8.44 38.35
C MET A 26 12.75 -9.28 37.88
N SER A 27 12.95 -10.46 38.49
CA SER A 27 14.12 -11.28 38.14
C SER A 27 13.95 -11.93 36.78
N MET A 28 12.83 -12.60 36.56
CA MET A 28 12.60 -13.26 35.28
C MET A 28 12.36 -12.23 34.18
N THR A 29 12.92 -12.49 33.01
CA THR A 29 12.71 -11.60 31.88
C THR A 29 11.30 -11.78 31.32
N TYR A 30 10.93 -10.89 30.41
CA TYR A 30 9.60 -10.96 29.80
C TYR A 30 9.43 -12.23 28.97
N GLY A 31 10.48 -12.64 28.26
CA GLY A 31 10.39 -13.84 27.43
C GLY A 31 10.10 -15.09 28.22
N GLN A 32 10.58 -15.16 29.46
CA GLN A 32 10.30 -16.31 30.31
C GLN A 32 8.86 -16.34 30.80
N GLN A 33 8.17 -15.21 30.79
CA GLN A 33 6.84 -15.12 31.39
C GLN A 33 5.73 -14.92 30.36
N PHE A 34 5.98 -14.13 29.31
CA PHE A 34 4.97 -13.85 28.30
C PHE A 34 5.28 -14.41 26.92
N GLY A 35 6.53 -14.77 26.65
CA GLY A 35 6.96 -15.02 25.29
C GLY A 35 7.59 -13.77 24.72
N PRO A 36 7.69 -13.70 23.39
CA PRO A 36 8.22 -12.48 22.76
C PRO A 36 7.36 -11.27 23.11
N THR A 37 8.01 -10.24 23.67
CA THR A 37 7.34 -9.05 24.15
C THR A 37 8.00 -7.82 23.58
N TYR A 38 7.18 -6.83 23.22
CA TYR A 38 7.67 -5.58 22.66
C TYR A 38 7.10 -4.40 23.44
N LEU A 39 7.89 -3.34 23.55
CA LEU A 39 7.46 -2.08 24.16
C LEU A 39 7.82 -0.95 23.21
N ASP A 40 6.80 -0.22 22.76
CA ASP A 40 6.97 0.89 21.81
C ASP A 40 7.68 0.44 20.55
N GLY A 41 7.46 -0.81 20.14
CA GLY A 41 8.12 -1.36 18.97
C GLY A 41 9.52 -1.90 19.21
N ALA A 42 10.00 -1.87 20.45
CA ALA A 42 11.34 -2.34 20.78
C ALA A 42 11.26 -3.70 21.46
N ASP A 43 12.12 -4.62 21.03
CA ASP A 43 12.11 -5.98 21.55
C ASP A 43 12.59 -5.98 23.00
N VAL A 44 11.74 -6.44 23.91
CA VAL A 44 12.08 -6.52 25.33
C VAL A 44 11.92 -7.97 25.80
N THR A 45 12.14 -8.92 24.89
CA THR A 45 12.05 -10.33 25.26
C THR A 45 13.11 -10.70 26.28
N LYS A 46 14.33 -10.17 26.11
CA LYS A 46 15.43 -10.43 27.02
C LYS A 46 15.54 -9.40 28.14
N ILE A 47 14.85 -8.27 28.02
CA ILE A 47 14.93 -7.21 29.02
C ILE A 47 14.07 -7.55 30.22
N LYS A 48 14.45 -7.02 31.37
CA LYS A 48 13.77 -7.24 32.64
C LYS A 48 12.98 -6.00 33.05
N PRO A 49 11.94 -6.17 33.88
CA PRO A 49 11.07 -5.03 34.21
C PRO A 49 11.80 -3.94 34.99
N HIS A 50 11.38 -2.70 34.75
CA HIS A 50 11.84 -1.52 35.46
C HIS A 50 10.63 -0.77 36.01
N ASN A 51 10.88 0.38 36.64
CA ASN A 51 9.80 1.14 37.24
C ASN A 51 8.92 1.79 36.18
N SER A 52 9.51 2.30 35.11
CA SER A 52 8.73 2.93 34.05
C SER A 52 7.89 1.93 33.28
N HIS A 53 8.23 0.64 33.34
CA HIS A 53 7.44 -0.38 32.67
C HIS A 53 6.11 -0.65 33.37
N GLU A 54 6.01 -0.33 34.66
CA GLU A 54 4.79 -0.58 35.41
C GLU A 54 3.66 0.30 34.89
N GLY A 55 2.51 -0.33 34.66
CA GLY A 55 1.33 0.38 34.19
C GLY A 55 1.29 0.68 32.71
N LYS A 56 2.27 0.22 31.94
CA LYS A 56 2.33 0.48 30.51
C LYS A 56 1.97 -0.79 29.74
N THR A 57 1.50 -0.60 28.51
CA THR A 57 1.00 -1.69 27.68
C THR A 57 2.11 -2.25 26.81
N PHE A 58 2.12 -3.57 26.65
CA PHE A 58 3.13 -4.28 25.88
C PHE A 58 2.47 -5.11 24.79
N TYR A 59 3.02 -5.04 23.58
CA TYR A 59 2.62 -5.94 22.50
C TYR A 59 3.27 -7.31 22.72
N VAL A 60 2.47 -8.36 22.62
CA VAL A 60 2.95 -9.72 22.83
C VAL A 60 2.45 -10.62 21.72
N LEU A 61 3.23 -11.64 21.40
CA LEU A 61 2.81 -12.66 20.46
C LEU A 61 1.61 -13.42 21.03
N PRO A 62 0.62 -13.76 20.21
CA PRO A 62 -0.51 -14.54 20.72
C PRO A 62 -0.07 -15.93 21.18
N ASN A 63 -0.44 -16.27 22.42
CA ASN A 63 -0.09 -17.55 22.99
C ASN A 63 -1.29 -18.39 23.43
N ASP A 64 -2.45 -17.77 23.68
CA ASP A 64 -3.67 -18.50 23.97
C ASP A 64 -4.71 -18.18 22.89
N ASP A 65 -5.85 -18.88 22.96
CA ASP A 65 -6.84 -18.74 21.91
C ASP A 65 -7.53 -17.38 21.94
N THR A 66 -7.66 -16.77 23.12
CA THR A 66 -8.27 -15.45 23.21
C THR A 66 -7.45 -14.42 22.43
N LEU A 67 -6.13 -14.44 22.60
CA LEU A 67 -5.29 -13.50 21.85
C LEU A 67 -5.23 -13.85 20.38
N ARG A 68 -5.24 -15.15 20.04
CA ARG A 68 -5.24 -15.55 18.64
C ARG A 68 -6.46 -15.02 17.91
N VAL A 69 -7.61 -14.98 18.58
CA VAL A 69 -8.82 -14.48 17.93
C VAL A 69 -8.78 -12.96 17.80
N GLU A 70 -8.37 -12.27 18.86
CA GLU A 70 -8.25 -10.81 18.79
C GLU A 70 -7.25 -10.38 17.73
N ALA A 71 -6.18 -11.15 17.54
CA ALA A 71 -5.18 -10.78 16.54
C ALA A 71 -5.75 -10.84 15.14
N PHE A 72 -6.56 -11.86 14.84
CA PHE A 72 -7.16 -11.95 13.51
C PHE A 72 -8.18 -10.84 13.28
N GLU A 73 -8.96 -10.50 14.31
CA GLU A 73 -10.00 -9.50 14.14
C GLU A 73 -9.43 -8.11 13.89
N TYR A 74 -8.17 -7.87 14.24
CA TYR A 74 -7.55 -6.57 13.98
C TYR A 74 -6.69 -6.57 12.74
N TYR A 75 -6.01 -7.69 12.44
CA TYR A 75 -5.06 -7.75 11.34
C TYR A 75 -5.49 -8.63 10.18
N HIS A 76 -6.46 -9.54 10.39
CA HIS A 76 -6.92 -10.47 9.35
C HIS A 76 -5.80 -11.38 8.88
N THR A 77 -4.97 -11.84 9.82
CA THR A 77 -3.94 -12.82 9.48
C THR A 77 -3.67 -13.70 10.69
N THR A 78 -3.34 -14.96 10.41
CA THR A 78 -2.94 -15.91 11.43
C THR A 78 -1.45 -16.21 11.39
N ASP A 79 -0.71 -15.58 10.48
CA ASP A 79 0.73 -15.78 10.37
C ASP A 79 1.41 -15.45 11.69
N PRO A 80 2.06 -16.42 12.34
CA PRO A 80 2.71 -16.12 13.63
C PRO A 80 3.85 -15.14 13.52
N SER A 81 4.42 -14.95 12.32
CA SER A 81 5.54 -14.04 12.13
C SER A 81 5.11 -12.61 11.86
N PHE A 82 3.81 -12.35 11.68
CA PHE A 82 3.36 -11.02 11.27
C PHE A 82 3.70 -9.96 12.32
N LEU A 83 3.46 -10.26 13.59
CA LEU A 83 3.71 -9.28 14.64
C LEU A 83 5.19 -8.93 14.73
N GLY A 84 6.06 -9.93 14.60
CA GLY A 84 7.49 -9.66 14.66
C GLY A 84 7.97 -8.82 13.50
N ARG A 85 7.50 -9.11 12.29
CA ARG A 85 7.86 -8.29 11.14
C ARG A 85 7.29 -6.89 11.25
N TYR A 86 6.11 -6.74 11.88
CA TYR A 86 5.50 -5.43 12.02
C TYR A 86 6.30 -4.57 13.00
N MET A 87 6.68 -5.14 14.15
CA MET A 87 7.48 -4.38 15.11
C MET A 87 8.88 -4.08 14.56
N SER A 88 9.42 -4.95 13.72
CA SER A 88 10.75 -4.69 13.14
C SER A 88 10.71 -3.50 12.20
N ALA A 89 9.68 -3.41 11.37
CA ALA A 89 9.55 -2.27 10.46
C ALA A 89 9.22 -1.00 11.23
N LEU A 90 8.39 -1.11 12.30
CA LEU A 90 7.98 0.05 13.06
C LEU A 90 9.16 0.72 13.76
N ASN A 91 10.13 -0.05 14.24
CA ASN A 91 11.29 0.53 14.89
C ASN A 91 12.07 1.45 13.97
N HIS A 92 11.99 1.26 12.65
CA HIS A 92 12.58 2.17 11.68
C HIS A 92 11.63 3.32 11.33
N THR A 93 10.38 3.00 10.99
CA THR A 93 9.44 4.02 10.53
C THR A 93 9.13 5.07 11.59
N LYS A 94 9.26 4.73 12.87
CA LYS A 94 9.06 5.73 13.91
C LYS A 94 10.13 6.83 13.86
N LYS A 95 11.31 6.50 13.34
CA LYS A 95 12.39 7.46 13.25
C LYS A 95 12.36 8.29 11.97
N TRP A 96 11.55 7.91 10.99
CA TRP A 96 11.43 8.68 9.76
C TRP A 96 10.66 9.97 10.02
N LYS A 97 10.80 10.91 9.09
CA LYS A 97 10.07 12.17 9.11
C LYS A 97 9.02 12.16 8.01
N TYR A 98 7.84 12.73 8.33
CA TYR A 98 6.68 12.69 7.44
C TYR A 98 6.20 14.12 7.19
N PRO A 99 6.91 14.86 6.33
CA PRO A 99 6.53 16.26 6.10
C PRO A 99 5.26 16.37 5.27
N GLN A 100 4.56 17.49 5.45
CA GLN A 100 3.40 17.82 4.63
C GLN A 100 3.87 18.55 3.37
N VAL A 101 3.59 17.95 2.22
CA VAL A 101 4.00 18.49 0.93
C VAL A 101 2.76 18.65 0.07
N ASN A 102 2.45 19.90 -0.30
CA ASN A 102 1.31 20.21 -1.17
C ASN A 102 0.01 19.64 -0.60
N GLY A 103 -0.16 19.77 0.72
CA GLY A 103 -1.34 19.28 1.40
C GLY A 103 -1.38 17.78 1.60
N LEU A 104 -0.33 17.06 1.24
CA LEU A 104 -0.28 15.61 1.38
C LEU A 104 0.87 15.22 2.32
N THR A 105 0.71 14.07 2.97
CA THR A 105 1.73 13.52 3.85
C THR A 105 2.72 12.72 3.01
N SER A 106 4.00 13.09 3.10
CA SER A 106 5.06 12.40 2.38
C SER A 106 6.05 11.79 3.40
N ILE A 107 7.21 11.37 2.91
CA ILE A 107 8.26 10.79 3.74
C ILE A 107 9.60 11.35 3.28
N LYS A 108 10.36 11.92 4.21
CA LYS A 108 11.76 12.22 3.96
C LYS A 108 12.51 10.93 3.63
N TRP A 109 13.47 11.02 2.71
CA TRP A 109 14.09 9.82 2.19
C TRP A 109 14.90 9.11 3.28
N ALA A 110 14.74 7.80 3.33
CA ALA A 110 15.39 6.95 4.35
C ALA A 110 15.18 5.47 4.04
N ASP A 111 16.28 4.73 3.92
CA ASP A 111 16.25 3.27 3.80
C ASP A 111 15.46 2.82 2.58
N ASN A 112 15.74 3.46 1.44
CA ASN A 112 15.13 3.10 0.16
C ASN A 112 13.61 3.16 0.21
N ASN A 113 13.06 4.18 0.89
CA ASN A 113 11.61 4.30 1.06
C ASN A 113 10.95 5.10 -0.06
N CYS A 114 11.64 5.34 -1.17
CA CYS A 114 11.05 6.15 -2.23
C CYS A 114 9.78 5.52 -2.79
N TYR A 115 9.71 4.19 -2.84
CA TYR A 115 8.52 3.54 -3.34
C TYR A 115 7.39 3.60 -2.31
N LEU A 116 7.73 3.68 -1.03
CA LEU A 116 6.70 3.84 0.00
C LEU A 116 6.09 5.24 -0.06
N ALA A 117 6.92 6.26 -0.28
CA ALA A 117 6.40 7.63 -0.35
C ALA A 117 5.44 7.78 -1.53
N THR A 118 5.79 7.23 -2.69
CA THR A 118 4.89 7.32 -3.85
C THR A 118 3.60 6.60 -3.59
N ALA A 119 3.65 5.43 -2.94
CA ALA A 119 2.44 4.70 -2.61
C ALA A 119 1.61 5.46 -1.58
N LEU A 120 2.26 6.02 -0.56
CA LEU A 120 1.55 6.77 0.46
C LEU A 120 0.87 8.00 -0.14
N LEU A 121 1.55 8.70 -1.04
CA LEU A 121 0.96 9.86 -1.69
C LEU A 121 -0.20 9.45 -2.60
N THR A 122 -0.07 8.31 -3.28
CA THR A 122 -1.14 7.85 -4.16
C THR A 122 -2.38 7.46 -3.35
N LEU A 123 -2.19 6.82 -2.20
CA LEU A 123 -3.33 6.36 -1.41
C LEU A 123 -4.18 7.51 -0.90
N GLN A 124 -3.58 8.67 -0.66
CA GLN A 124 -4.31 9.84 -0.20
C GLN A 124 -5.10 10.53 -1.32
N GLN A 125 -5.03 10.01 -2.55
CA GLN A 125 -5.69 10.64 -3.68
C GLN A 125 -6.66 9.71 -4.41
N ILE A 126 -6.89 8.50 -3.88
CA ILE A 126 -7.87 7.59 -4.45
C ILE A 126 -8.77 7.09 -3.32
N GLU A 127 -9.98 6.68 -3.70
CA GLU A 127 -10.97 6.22 -2.73
C GLU A 127 -10.73 4.75 -2.42
N LEU A 128 -10.44 4.45 -1.16
CA LEU A 128 -10.07 3.10 -0.77
C LEU A 128 -10.52 2.85 0.67
N LYS A 129 -10.98 1.63 0.91
CA LYS A 129 -11.40 1.20 2.25
C LYS A 129 -10.75 -0.15 2.54
N PHE A 130 -9.98 -0.23 3.62
CA PHE A 130 -9.27 -1.45 3.96
C PHE A 130 -10.11 -2.34 4.87
N ASN A 131 -9.97 -3.64 4.69
CA ASN A 131 -10.71 -4.63 5.46
C ASN A 131 -10.10 -4.86 6.85
N PRO A 132 -8.79 -5.06 6.99
CA PRO A 132 -8.22 -5.20 8.34
C PRO A 132 -8.36 -3.90 9.12
N PRO A 133 -9.03 -3.94 10.28
CA PRO A 133 -9.18 -2.71 11.08
C PRO A 133 -7.86 -2.05 11.43
N ALA A 134 -6.79 -2.81 11.65
CA ALA A 134 -5.50 -2.20 11.91
C ALA A 134 -5.03 -1.37 10.73
N LEU A 135 -5.32 -1.83 9.51
CA LEU A 135 -4.89 -1.13 8.32
C LEU A 135 -5.72 0.12 8.06
N GLN A 136 -7.04 0.06 8.30
CA GLN A 136 -7.88 1.23 8.09
C GLN A 136 -7.64 2.29 9.15
N ASP A 137 -7.47 1.89 10.41
CA ASP A 137 -7.19 2.85 11.47
C ASP A 137 -5.88 3.59 11.21
N ALA A 138 -4.85 2.87 10.77
CA ALA A 138 -3.57 3.51 10.45
C ALA A 138 -3.66 4.35 9.19
N TYR A 139 -4.49 3.94 8.23
CA TYR A 139 -4.77 4.76 7.06
C TYR A 139 -5.29 6.14 7.46
N TYR A 140 -6.22 6.18 8.41
CA TYR A 140 -6.77 7.46 8.86
C TYR A 140 -5.72 8.29 9.57
N ARG A 141 -4.98 7.67 10.50
CA ARG A 141 -3.93 8.40 11.22
C ARG A 141 -2.85 8.90 10.26
N ALA A 142 -2.62 8.19 9.16
CA ALA A 142 -1.59 8.60 8.20
C ALA A 142 -2.03 9.82 7.40
N ARG A 143 -3.28 9.83 6.93
CA ARG A 143 -3.78 10.99 6.18
C ARG A 143 -3.74 12.26 7.01
N ALA A 144 -3.81 12.13 8.35
CA ALA A 144 -3.72 13.27 9.25
C ALA A 144 -2.29 13.66 9.58
N GLY A 145 -1.30 12.86 9.18
CA GLY A 145 0.11 13.22 9.34
C GLY A 145 0.94 12.25 10.15
N GLU A 146 0.36 11.23 10.78
CA GLU A 146 1.11 10.28 11.61
C GLU A 146 1.10 8.93 10.88
N ALA A 147 2.08 8.74 10.00
CA ALA A 147 2.08 7.62 9.07
C ALA A 147 3.05 6.51 9.43
N ALA A 148 3.69 6.57 10.61
CA ALA A 148 4.68 5.57 10.96
C ALA A 148 4.05 4.18 11.05
N ASN A 149 2.99 4.03 11.84
CA ASN A 149 2.34 2.73 11.98
C ASN A 149 1.79 2.24 10.65
N PHE A 150 1.35 3.15 9.78
CA PHE A 150 0.80 2.74 8.51
C PHE A 150 1.87 2.21 7.58
N CYS A 151 3.06 2.84 7.58
CA CYS A 151 4.15 2.35 6.75
C CYS A 151 4.65 1.00 7.22
N ALA A 152 4.74 0.80 8.54
CA ALA A 152 5.17 -0.49 9.06
C ALA A 152 4.19 -1.60 8.68
N LEU A 153 2.89 -1.32 8.74
CA LEU A 153 1.90 -2.32 8.36
C LEU A 153 2.01 -2.67 6.89
N ILE A 154 2.28 -1.67 6.04
CA ILE A 154 2.43 -1.93 4.61
C ILE A 154 3.57 -2.89 4.36
N LEU A 155 4.71 -2.66 5.01
CA LEU A 155 5.85 -3.57 4.87
C LEU A 155 5.52 -4.97 5.37
N ALA A 156 4.78 -5.06 6.47
CA ALA A 156 4.43 -6.36 7.03
C ALA A 156 3.47 -7.12 6.12
N TYR A 157 2.42 -6.44 5.63
CA TYR A 157 1.45 -7.11 4.78
C TYR A 157 2.06 -7.51 3.42
N CYS A 158 3.07 -6.77 2.97
CA CYS A 158 3.72 -7.06 1.69
C CYS A 158 4.91 -7.99 1.84
N ASN A 159 5.20 -8.46 3.05
N ASN A 159 5.22 -8.45 3.05
CA ASN A 159 6.35 -9.31 3.34
CA ASN A 159 6.35 -9.34 3.29
C ASN A 159 7.64 -8.69 2.81
C ASN A 159 7.67 -8.70 2.84
N LYS A 160 7.80 -7.39 3.08
CA LYS A 160 8.98 -6.64 2.71
C LYS A 160 9.62 -6.06 3.97
N THR A 161 10.94 -5.98 3.98
CA THR A 161 11.67 -5.43 5.11
C THR A 161 12.15 -4.02 4.78
N VAL A 162 12.48 -3.28 5.85
CA VAL A 162 13.08 -1.96 5.67
C VAL A 162 14.38 -2.10 4.90
N GLY A 163 14.60 -1.18 3.96
CA GLY A 163 15.77 -1.18 3.11
C GLY A 163 15.61 -1.96 1.83
N GLU A 164 14.71 -2.94 1.82
CA GLU A 164 14.48 -3.73 0.61
C GLU A 164 13.92 -2.85 -0.50
N LEU A 165 14.27 -3.19 -1.73
CA LEU A 165 13.85 -2.41 -2.89
C LEU A 165 12.44 -2.81 -3.30
N GLY A 166 11.55 -1.82 -3.38
CA GLY A 166 10.13 -2.06 -3.57
C GLY A 166 9.64 -1.53 -4.91
N ASP A 167 8.64 -2.22 -5.46
CA ASP A 167 7.96 -1.81 -6.68
C ASP A 167 6.59 -1.28 -6.31
N VAL A 168 6.26 -0.07 -6.81
CA VAL A 168 5.02 0.57 -6.42
C VAL A 168 3.81 -0.21 -6.92
N ARG A 169 3.84 -0.65 -8.18
CA ARG A 169 2.73 -1.43 -8.72
C ARG A 169 2.51 -2.71 -7.92
N GLU A 170 3.60 -3.37 -7.53
CA GLU A 170 3.47 -4.58 -6.73
C GLU A 170 2.93 -4.28 -5.33
N THR A 171 3.32 -3.13 -4.76
CA THR A 171 2.84 -2.77 -3.44
C THR A 171 1.36 -2.40 -3.46
N MET A 172 0.92 -1.67 -4.49
CA MET A 172 -0.49 -1.33 -4.60
C MET A 172 -1.35 -2.57 -4.78
N SER A 173 -0.84 -3.56 -5.52
CA SER A 173 -1.58 -4.80 -5.72
C SER A 173 -1.78 -5.55 -4.41
N TYR A 174 -0.72 -5.65 -3.60
CA TYR A 174 -0.84 -6.30 -2.30
C TYR A 174 -1.86 -5.58 -1.43
N LEU A 175 -1.84 -4.24 -1.45
CA LEU A 175 -2.77 -3.48 -0.62
C LEU A 175 -4.20 -3.61 -1.12
N PHE A 176 -4.39 -3.68 -2.45
CA PHE A 176 -5.73 -3.83 -2.99
C PHE A 176 -6.35 -5.16 -2.60
N GLN A 177 -5.53 -6.19 -2.41
CA GLN A 177 -6.05 -7.49 -2.00
C GLN A 177 -6.55 -7.48 -0.56
N HIS A 178 -6.18 -6.48 0.23
CA HIS A 178 -6.68 -6.31 1.58
C HIS A 178 -7.68 -5.16 1.68
N ALA A 179 -8.23 -4.73 0.54
CA ALA A 179 -9.20 -3.64 0.49
C ALA A 179 -10.52 -4.15 -0.07
N ASN A 180 -11.59 -3.40 0.22
CA ASN A 180 -12.93 -3.75 -0.24
C ASN A 180 -13.11 -3.22 -1.67
N LEU A 181 -12.79 -4.09 -2.64
CA LEU A 181 -13.01 -3.80 -4.05
C LEU A 181 -14.06 -4.71 -4.65
N ASP A 182 -15.02 -5.16 -3.82
CA ASP A 182 -16.02 -6.11 -4.28
C ASP A 182 -16.96 -5.48 -5.31
N SER A 183 -17.34 -4.22 -5.10
CA SER A 183 -18.25 -3.56 -6.03
C SER A 183 -17.59 -3.19 -7.35
N CYS A 184 -16.27 -3.31 -7.45
CA CYS A 184 -15.57 -2.94 -8.67
C CYS A 184 -15.77 -4.02 -9.74
N LYS A 185 -16.05 -3.58 -10.96
CA LYS A 185 -16.41 -4.47 -12.05
C LYS A 185 -15.82 -3.95 -13.35
N ARG A 186 -15.27 -4.87 -14.15
CA ARG A 186 -14.69 -4.53 -15.44
C ARG A 186 -15.11 -5.57 -16.47
N VAL A 187 -15.66 -5.10 -17.58
CA VAL A 187 -16.09 -5.96 -18.68
C VAL A 187 -15.25 -5.62 -19.90
N LEU A 188 -14.53 -6.61 -20.42
CA LEU A 188 -13.67 -6.44 -21.57
C LEU A 188 -14.23 -7.18 -22.77
N ASN A 189 -13.72 -6.83 -23.95
CA ASN A 189 -14.12 -7.48 -25.19
C ASN A 189 -12.91 -7.61 -26.09
N VAL A 190 -12.55 -8.84 -26.44
CA VAL A 190 -11.42 -9.13 -27.30
C VAL A 190 -11.96 -9.64 -28.63
N VAL A 191 -11.46 -9.07 -29.72
CA VAL A 191 -11.96 -9.35 -31.07
C VAL A 191 -10.81 -9.87 -31.91
N CYS A 192 -10.90 -11.15 -32.29
CA CYS A 192 -9.95 -11.77 -33.19
C CYS A 192 -10.60 -11.98 -34.56
N LYS A 193 -9.81 -11.81 -35.62
CA LYS A 193 -10.35 -11.96 -36.97
C LYS A 193 -10.83 -13.38 -37.24
N THR A 194 -10.17 -14.37 -36.66
CA THR A 194 -10.53 -15.77 -36.86
C THR A 194 -11.42 -16.31 -35.75
N CYS A 195 -11.01 -16.13 -34.49
CA CYS A 195 -11.78 -16.67 -33.38
C CYS A 195 -13.12 -15.95 -33.24
N GLY A 196 -13.11 -14.62 -33.33
CA GLY A 196 -14.33 -13.82 -33.26
C GLY A 196 -14.29 -12.85 -32.10
N GLN A 197 -15.41 -12.72 -31.41
CA GLN A 197 -15.59 -11.76 -30.33
C GLN A 197 -15.84 -12.50 -29.03
N GLN A 198 -14.97 -12.29 -28.04
CA GLN A 198 -15.10 -12.89 -26.72
C GLN A 198 -15.17 -11.78 -25.68
N GLN A 199 -16.10 -11.93 -24.74
CA GLN A 199 -16.33 -10.94 -23.70
C GLN A 199 -16.06 -11.57 -22.34
N THR A 200 -15.23 -10.90 -21.54
CA THR A 200 -14.86 -11.35 -20.21
C THR A 200 -15.22 -10.29 -19.19
N THR A 201 -15.45 -10.73 -17.95
CA THR A 201 -15.81 -9.86 -16.84
C THR A 201 -14.86 -10.10 -15.69
N LEU A 202 -14.24 -9.02 -15.20
CA LEU A 202 -13.30 -9.09 -14.10
C LEU A 202 -13.86 -8.38 -12.87
N LYS A 203 -13.41 -8.82 -11.70
CA LYS A 203 -13.88 -8.28 -10.43
C LYS A 203 -12.69 -8.06 -9.50
N GLY A 204 -12.90 -7.22 -8.49
CA GLY A 204 -11.89 -7.05 -7.45
C GLY A 204 -10.65 -6.35 -7.97
N VAL A 205 -9.49 -6.85 -7.54
CA VAL A 205 -8.22 -6.21 -7.88
C VAL A 205 -7.98 -6.24 -9.38
N GLU A 206 -8.39 -7.33 -10.04
CA GLU A 206 -8.20 -7.45 -11.48
C GLU A 206 -9.01 -6.43 -12.26
N ALA A 207 -10.03 -5.82 -11.64
CA ALA A 207 -10.87 -4.86 -12.34
C ALA A 207 -10.30 -3.45 -12.34
N VAL A 208 -9.37 -3.14 -11.44
CA VAL A 208 -8.82 -1.80 -11.32
C VAL A 208 -7.39 -1.68 -11.84
N MET A 209 -6.69 -2.80 -12.04
CA MET A 209 -5.29 -2.78 -12.47
C MET A 209 -5.16 -3.37 -13.86
N TYR A 210 -4.37 -2.71 -14.71
CA TYR A 210 -4.00 -3.25 -16.01
C TYR A 210 -2.53 -2.96 -16.26
N MET A 211 -1.79 -4.00 -16.64
CA MET A 211 -0.39 -3.87 -17.01
C MET A 211 -0.29 -3.94 -18.54
N GLY A 212 0.30 -2.92 -19.15
CA GLY A 212 0.45 -2.91 -20.58
C GLY A 212 0.51 -1.54 -21.21
N THR A 213 -0.27 -0.59 -20.67
CA THR A 213 -0.33 0.75 -21.23
C THR A 213 -0.65 1.74 -20.12
N LEU A 214 -0.13 2.97 -20.28
CA LEU A 214 -0.39 4.04 -19.34
C LEU A 214 -1.66 4.81 -19.66
N SER A 215 -2.07 4.83 -20.92
CA SER A 215 -3.17 5.68 -21.37
C SER A 215 -4.51 4.98 -21.12
N TYR A 216 -5.33 5.57 -20.25
CA TYR A 216 -6.69 5.09 -20.08
C TYR A 216 -7.50 5.25 -21.36
N GLU A 217 -7.20 6.28 -22.15
CA GLU A 217 -7.89 6.48 -23.42
C GLU A 217 -7.57 5.35 -24.40
N GLN A 218 -6.28 5.00 -24.53
CA GLN A 218 -5.91 3.92 -25.43
C GLN A 218 -6.51 2.60 -24.98
N PHE A 219 -6.67 2.39 -23.67
CA PHE A 219 -7.34 1.20 -23.18
C PHE A 219 -8.79 1.14 -23.63
N LYS A 220 -9.46 2.30 -23.72
CA LYS A 220 -10.84 2.31 -24.20
C LYS A 220 -10.91 2.11 -25.71
N LYS A 221 -10.02 2.76 -26.45
CA LYS A 221 -10.05 2.66 -27.91
C LYS A 221 -9.61 1.29 -28.40
N GLY A 222 -8.90 0.51 -27.58
CA GLY A 222 -8.47 -0.81 -27.98
C GLY A 222 -6.97 -1.00 -27.90
N VAL A 223 -6.54 -2.16 -27.42
CA VAL A 223 -5.13 -2.49 -27.29
C VAL A 223 -4.89 -3.85 -27.94
N GLN A 224 -3.69 -4.04 -28.49
CA GLN A 224 -3.36 -5.23 -29.25
C GLN A 224 -2.77 -6.29 -28.32
N ILE A 225 -3.42 -7.45 -28.27
CA ILE A 225 -2.93 -8.59 -27.49
C ILE A 225 -2.97 -9.84 -28.36
N PRO A 226 -2.10 -10.83 -28.11
CA PRO A 226 -2.16 -12.07 -28.89
C PRO A 226 -3.31 -12.96 -28.44
N CYS A 227 -3.99 -13.54 -29.41
CA CYS A 227 -5.12 -14.43 -29.14
C CYS A 227 -4.62 -15.87 -28.98
N THR A 228 -5.55 -16.75 -28.59
CA THR A 228 -5.20 -18.16 -28.41
C THR A 228 -4.79 -18.80 -29.74
N CYS A 229 -5.34 -18.33 -30.85
CA CYS A 229 -4.99 -18.87 -32.15
C CYS A 229 -3.62 -18.40 -32.63
N GLY A 230 -3.04 -17.38 -31.99
CA GLY A 230 -1.75 -16.85 -32.37
C GLY A 230 -1.81 -15.48 -33.01
N LYS A 231 -2.94 -15.12 -33.61
CA LYS A 231 -3.06 -13.82 -34.24
C LYS A 231 -3.15 -12.71 -33.19
N GLN A 232 -2.99 -11.47 -33.64
CA GLN A 232 -3.07 -10.30 -32.77
C GLN A 232 -4.52 -9.82 -32.75
N ALA A 233 -5.21 -10.07 -31.64
CA ALA A 233 -6.57 -9.60 -31.46
C ALA A 233 -6.54 -8.19 -30.86
N THR A 234 -7.72 -7.65 -30.53
CA THR A 234 -7.83 -6.30 -29.98
C THR A 234 -8.71 -6.36 -28.74
N LYS A 235 -8.16 -5.89 -27.61
CA LYS A 235 -8.88 -5.83 -26.35
C LYS A 235 -9.21 -4.39 -26.03
N TYR A 236 -10.49 -4.11 -25.77
CA TYR A 236 -10.93 -2.78 -25.40
C TYR A 236 -11.89 -2.87 -24.23
N LEU A 237 -12.03 -1.76 -23.51
CA LEU A 237 -12.85 -1.69 -22.31
C LEU A 237 -14.31 -1.42 -22.69
N VAL A 238 -15.20 -2.27 -22.18
CA VAL A 238 -16.63 -2.15 -22.48
C VAL A 238 -17.32 -1.37 -21.37
N GLN A 239 -17.22 -1.87 -20.14
CA GLN A 239 -17.82 -1.19 -18.99
C GLN A 239 -16.84 -1.18 -17.83
N GLN A 240 -16.85 -0.08 -17.07
CA GLN A 240 -15.96 0.07 -15.92
C GLN A 240 -16.76 0.72 -14.79
N GLU A 241 -16.88 0.00 -13.67
CA GLU A 241 -17.53 0.51 -12.47
C GLU A 241 -16.54 0.41 -11.32
N SER A 242 -15.88 1.52 -10.99
CA SER A 242 -14.91 1.59 -9.91
C SER A 242 -14.58 3.04 -9.61
N PRO A 243 -14.17 3.38 -8.39
CA PRO A 243 -13.80 4.77 -8.07
C PRO A 243 -12.49 5.20 -8.71
N PHE A 244 -11.69 4.30 -9.26
CA PHE A 244 -10.44 4.67 -9.90
C PHE A 244 -9.99 3.51 -10.78
N VAL A 245 -8.94 3.78 -11.57
CA VAL A 245 -8.23 2.75 -12.31
C VAL A 245 -6.73 3.02 -12.20
N MET A 246 -5.95 1.95 -12.32
CA MET A 246 -4.50 2.05 -12.29
C MET A 246 -3.95 1.48 -13.60
N MET A 247 -3.27 2.32 -14.37
CA MET A 247 -2.67 1.92 -15.64
C MET A 247 -1.16 1.86 -15.46
N SER A 248 -0.60 0.68 -15.67
CA SER A 248 0.83 0.46 -15.48
C SER A 248 1.48 -0.01 -16.77
N ALA A 249 2.78 0.26 -16.89
CA ALA A 249 3.56 -0.11 -18.05
C ALA A 249 5.03 -0.01 -17.69
N PRO A 250 5.91 -0.75 -18.36
CA PRO A 250 7.34 -0.61 -18.06
C PRO A 250 7.80 0.80 -18.31
N PRO A 251 8.80 1.27 -17.56
CA PRO A 251 9.19 2.69 -17.62
C PRO A 251 9.53 3.14 -19.04
N ALA A 252 8.98 4.29 -19.42
CA ALA A 252 9.20 4.85 -20.74
C ALA A 252 8.82 6.32 -20.71
N GLN A 253 9.38 7.09 -21.64
CA GLN A 253 9.07 8.51 -21.72
C GLN A 253 7.59 8.70 -22.04
N TYR A 254 6.95 9.61 -21.30
CA TYR A 254 5.52 9.82 -21.39
C TYR A 254 5.24 11.28 -21.03
N GLU A 255 4.29 11.89 -21.74
CA GLU A 255 3.92 13.27 -21.50
C GLU A 255 2.64 13.31 -20.68
N LEU A 256 2.72 13.90 -19.49
CA LEU A 256 1.57 14.06 -18.61
C LEU A 256 1.03 15.48 -18.77
N LYS A 257 -0.26 15.58 -19.09
CA LYS A 257 -0.91 16.87 -19.31
C LYS A 257 -1.80 17.21 -18.12
N HIS A 258 -1.76 18.47 -17.71
CA HIS A 258 -2.51 18.93 -16.55
C HIS A 258 -4.01 18.73 -16.76
N GLY A 259 -4.65 18.01 -15.83
CA GLY A 259 -6.08 17.79 -15.85
C GLY A 259 -6.55 16.50 -16.49
N THR A 260 -5.64 15.69 -17.02
CA THR A 260 -6.02 14.45 -17.69
C THR A 260 -5.85 13.21 -16.83
N PHE A 261 -5.36 13.37 -15.60
CA PHE A 261 -5.09 12.24 -14.72
C PHE A 261 -5.07 12.73 -13.28
N THR A 262 -5.03 11.78 -12.35
CA THR A 262 -4.96 12.12 -10.93
C THR A 262 -3.51 12.21 -10.45
N CYS A 263 -2.77 11.10 -10.53
CA CYS A 263 -1.38 11.08 -10.09
C CYS A 263 -0.65 9.98 -10.85
N ALA A 264 0.68 9.98 -10.74
CA ALA A 264 1.50 9.09 -11.53
C ALA A 264 2.80 8.79 -10.81
N SER A 265 3.41 7.66 -11.19
CA SER A 265 4.68 7.20 -10.64
C SER A 265 5.77 7.37 -11.69
N GLU A 266 6.78 8.17 -11.37
CA GLU A 266 7.95 8.32 -12.20
C GLU A 266 9.07 7.44 -11.67
N TYR A 267 9.75 6.73 -12.57
CA TYR A 267 10.83 5.82 -12.19
C TYR A 267 12.03 6.04 -13.09
N THR A 268 13.15 6.44 -12.50
CA THR A 268 14.40 6.59 -13.21
C THR A 268 15.41 5.57 -12.70
N GLY A 269 16.36 5.22 -13.57
CA GLY A 269 17.46 4.35 -13.17
C GLY A 269 17.27 2.92 -13.64
N ASN A 270 18.17 2.06 -13.17
CA ASN A 270 18.19 0.68 -13.60
C ASN A 270 17.08 -0.12 -12.93
N TYR A 271 16.81 -1.29 -13.51
CA TYR A 271 15.77 -2.17 -12.99
C TYR A 271 16.08 -2.57 -11.55
N GLN A 272 15.08 -2.43 -10.69
CA GLN A 272 15.12 -2.79 -9.27
C GLN A 272 15.95 -1.84 -8.41
N CYS A 273 16.92 -1.13 -9.00
CA CYS A 273 17.75 -0.23 -8.20
C CYS A 273 17.65 1.20 -8.73
N GLY A 274 16.44 1.71 -8.83
CA GLY A 274 16.22 3.08 -9.27
C GLY A 274 15.56 3.94 -8.22
N HIS A 275 15.02 5.08 -8.63
CA HIS A 275 14.38 6.02 -7.73
C HIS A 275 12.99 6.35 -8.23
N TYR A 276 12.01 6.36 -7.32
CA TYR A 276 10.65 6.74 -7.62
C TYR A 276 10.43 8.22 -7.34
N LYS A 277 9.54 8.82 -8.11
CA LYS A 277 9.02 10.15 -7.85
C LYS A 277 7.52 10.14 -8.11
N HIS A 278 6.82 11.12 -7.53
CA HIS A 278 5.37 11.20 -7.59
C HIS A 278 4.95 12.47 -8.32
N ILE A 279 4.10 12.32 -9.33
CA ILE A 279 3.56 13.43 -10.10
C ILE A 279 2.07 13.49 -9.84
N THR A 280 1.59 14.65 -9.39
CA THR A 280 0.16 14.85 -9.13
C THR A 280 -0.31 16.09 -9.86
N SER A 281 -1.57 16.05 -10.31
CA SER A 281 -2.18 17.11 -11.11
C SER A 281 -3.15 17.90 -10.23
N LYS A 282 -2.71 19.05 -9.76
CA LYS A 282 -3.53 19.96 -8.97
C LYS A 282 -3.92 21.15 -9.86
N GLU A 283 -3.81 22.40 -9.41
CA GLU A 283 -4.00 23.53 -10.31
C GLU A 283 -2.94 23.54 -11.40
N THR A 284 -1.77 22.99 -11.10
CA THR A 284 -0.71 22.75 -12.06
C THR A 284 -0.08 21.40 -11.72
N LEU A 285 0.98 21.03 -12.44
CA LEU A 285 1.64 19.75 -12.21
C LEU A 285 2.69 19.90 -11.11
N TYR A 286 2.54 19.11 -10.06
CA TYR A 286 3.49 19.10 -8.95
C TYR A 286 4.27 17.80 -8.95
N CYS A 287 5.54 17.88 -8.57
CA CYS A 287 6.41 16.72 -8.45
C CYS A 287 6.90 16.63 -7.01
N ILE A 288 6.58 15.52 -6.34
CA ILE A 288 6.96 15.30 -4.95
C ILE A 288 8.02 14.22 -4.91
N ASP A 289 9.20 14.58 -4.40
CA ASP A 289 10.33 13.67 -4.24
C ASP A 289 10.72 13.66 -2.77
N GLY A 290 10.02 12.85 -1.99
CA GLY A 290 10.24 12.83 -0.56
C GLY A 290 9.79 14.10 0.11
N ALA A 291 10.73 14.92 0.56
CA ALA A 291 10.41 16.22 1.14
C ALA A 291 10.50 17.36 0.14
N LEU A 292 11.02 17.10 -1.06
CA LEU A 292 11.21 18.15 -2.06
C LEU A 292 10.00 18.25 -2.97
N LEU A 293 9.69 19.47 -3.38
CA LEU A 293 8.53 19.76 -4.21
C LEU A 293 8.94 20.71 -5.34
N THR A 294 8.58 20.34 -6.56
CA THR A 294 8.81 21.18 -7.73
C THR A 294 7.49 21.35 -8.49
N LYS A 295 7.48 22.32 -9.41
CA LYS A 295 6.26 22.73 -10.08
C LYS A 295 6.55 22.99 -11.55
N SER A 296 5.60 22.63 -12.41
CA SER A 296 5.75 22.86 -13.84
C SER A 296 4.37 22.86 -14.49
N SER A 297 4.27 23.53 -15.64
CA SER A 297 2.99 23.59 -16.35
C SER A 297 2.70 22.29 -17.10
N GLU A 298 3.70 21.73 -17.76
CA GLU A 298 3.59 20.42 -18.40
C GLU A 298 4.79 19.58 -18.01
N TYR A 299 4.70 18.28 -18.29
CA TYR A 299 5.72 17.34 -17.84
C TYR A 299 5.89 16.23 -18.86
N LYS A 300 7.14 15.82 -19.08
CA LYS A 300 7.46 14.63 -19.86
C LYS A 300 8.63 13.92 -19.21
N GLY A 301 8.46 12.63 -18.94
CA GLY A 301 9.48 11.86 -18.27
C GLY A 301 9.15 10.37 -18.25
N PRO A 302 9.99 9.59 -17.58
CA PRO A 302 9.79 8.13 -17.52
C PRO A 302 8.70 7.76 -16.51
N ILE A 303 7.53 7.40 -17.02
CA ILE A 303 6.37 7.10 -16.20
C ILE A 303 6.08 5.61 -16.27
N THR A 304 5.69 5.03 -15.14
CA THR A 304 5.36 3.60 -15.07
C THR A 304 3.98 3.31 -14.50
N ASP A 305 3.38 4.23 -13.73
CA ASP A 305 2.01 4.07 -13.24
C ASP A 305 1.29 5.40 -13.42
N VAL A 306 0.03 5.33 -13.87
CA VAL A 306 -0.83 6.51 -13.94
C VAL A 306 -2.18 6.15 -13.33
N PHE A 307 -2.71 7.02 -12.49
CA PHE A 307 -3.97 6.81 -11.80
C PHE A 307 -5.03 7.77 -12.33
N TYR A 308 -6.19 7.24 -12.67
CA TYR A 308 -7.29 8.02 -13.22
C TYR A 308 -8.51 7.89 -12.32
N LYS A 309 -9.35 8.92 -12.34
CA LYS A 309 -10.62 8.89 -11.64
C LYS A 309 -11.68 8.20 -12.47
N GLU A 310 -12.66 7.60 -11.79
CA GLU A 310 -13.72 6.88 -12.47
C GLU A 310 -14.91 6.74 -11.52
N ASN A 311 -16.09 6.55 -12.11
CA ASN A 311 -17.27 6.18 -11.34
C ASN A 311 -18.02 5.07 -12.07
N SER A 312 -18.58 5.39 -13.24
CA SER A 312 -19.25 4.41 -14.08
C SER A 312 -19.03 4.80 -15.53
N TYR A 313 -18.53 3.86 -16.32
CA TYR A 313 -18.21 4.08 -17.72
C TYR A 313 -18.80 2.97 -18.57
N THR A 314 -19.30 3.33 -19.75
CA THR A 314 -19.85 2.37 -20.70
C THR A 314 -19.42 2.81 -22.10
N THR A 315 -18.90 1.87 -22.88
CA THR A 315 -18.34 2.21 -24.19
C THR A 315 -19.45 2.49 -25.20
N THR A 316 -19.06 3.18 -26.28
CA THR A 316 -19.98 3.51 -27.35
C THR A 316 -19.98 2.49 -28.48
N ILE A 317 -18.98 1.61 -28.53
CA ILE A 317 -18.87 0.63 -29.60
C ILE A 317 -19.98 -0.42 -29.48
#